data_3D1J
#
_entry.id   3D1J
#
_cell.length_a   232.959
_cell.length_b   232.959
_cell.length_c   85.539
_cell.angle_alpha   90.000
_cell.angle_beta   90.000
_cell.angle_gamma   120.000
#
_symmetry.space_group_name_H-M   'H 3 2'
#
loop_
_entity.id
_entity.type
_entity.pdbx_description
1 polymer 'Glycogen synthase'
2 water water
#
_entity_poly.entity_id   1
_entity_poly.type   'polypeptide(L)'
_entity_poly.pdbx_seq_one_letter_code
;MQVLHVSSEMFPLLKTGGLADVIGALPAAQIADGVDARVLLPAFPDIRRGVTDAQVVSRRDTFAGHITLLFGHYNGVGIY
LIDAPHLYDRPGSPYHDTNLFAYTDNVLRFALLGWVGAEMASGLDPFWRPDVVHAHDWHAGLAPAYLAARGRPAKSVFTV
HNLAYQGMFYAHHMNDIQLPWSFFNIHGLEFNGQISFLKAGLYYADHITAVSPTYAREITEPQFAYGMEGLLQQRHREGR
LSGVLNGVDEKIWSPETDLLLASRYTRDTLEDKAENKRQLQIAMGLKVDDKVPLFAVVSRLTSQKGLDLVLEALPGLLEQ
GGQLALLGAGDPVLQEGFLAAAAEYPGQVGVQIGYHEAFSHRIMGGADVILVPSRFEPCGLTQLYGLKYGTLPLVRRTGG
LADTVSDSSLENLADGVASGFVFEDSNAWSLLRAIRRAFVLWSRPSLWRFVQRQAMAMDFSWQVAAKSYRELYYRLK
;
_entity_poly.pdbx_strand_id   A
#
# COMPACT_ATOMS: atom_id res chain seq x y z
N MET A 1 -22.44 1.45 -13.08
CA MET A 1 -22.07 2.31 -11.93
C MET A 1 -20.83 3.17 -12.25
N GLN A 2 -20.75 4.34 -11.65
CA GLN A 2 -19.68 5.24 -12.04
C GLN A 2 -18.94 5.78 -10.84
N VAL A 3 -17.69 5.34 -10.70
CA VAL A 3 -16.89 5.80 -9.59
C VAL A 3 -15.84 6.71 -10.11
N LEU A 4 -15.50 7.71 -9.33
CA LEU A 4 -14.42 8.56 -9.68
C LEU A 4 -13.43 8.50 -8.56
N HIS A 5 -12.21 8.06 -8.87
CA HIS A 5 -11.16 8.05 -7.86
C HIS A 5 -10.48 9.39 -7.77
N VAL A 6 -10.34 9.89 -6.55
CA VAL A 6 -9.65 11.13 -6.36
C VAL A 6 -8.42 10.87 -5.52
N SER A 7 -7.23 10.96 -6.13
CA SER A 7 -5.97 10.84 -5.40
C SER A 7 -5.01 11.89 -5.92
N SER A 8 -3.78 11.84 -5.46
CA SER A 8 -2.80 12.83 -5.83
C SER A 8 -1.70 12.25 -6.67
N GLU A 9 -1.76 10.95 -6.97
CA GLU A 9 -0.69 10.26 -7.72
C GLU A 9 -1.15 8.90 -8.28
N MET A 10 -0.40 8.38 -9.25
CA MET A 10 -0.81 7.14 -9.89
C MET A 10 0.30 6.41 -10.63
N PHE A 11 0.71 5.26 -10.12
CA PHE A 11 1.71 4.48 -10.84
C PHE A 11 1.27 4.24 -12.29
N PRO A 12 2.22 4.32 -13.23
CA PRO A 12 3.64 4.54 -13.01
C PRO A 12 4.04 5.99 -13.25
N LEU A 13 3.06 6.84 -13.52
CA LEU A 13 3.33 8.22 -13.89
C LEU A 13 3.95 9.04 -12.77
N LEU A 14 3.67 8.66 -11.54
CA LEU A 14 4.22 9.37 -10.44
C LEU A 14 3.94 8.51 -9.24
N LYS A 15 4.94 8.28 -8.42
CA LYS A 15 4.73 7.42 -7.26
C LYS A 15 5.64 7.78 -6.12
N THR A 16 5.10 7.78 -4.92
CA THR A 16 5.93 8.05 -3.78
C THR A 16 5.56 7.15 -2.63
N GLY A 17 4.79 6.11 -2.91
CA GLY A 17 4.23 5.28 -1.85
C GLY A 17 3.27 4.30 -2.49
N GLY A 18 2.75 3.37 -1.70
CA GLY A 18 2.03 2.23 -2.27
C GLY A 18 0.65 2.62 -2.77
N LEU A 19 0.18 3.77 -2.30
CA LEU A 19 -1.09 4.32 -2.70
C LEU A 19 -1.14 4.31 -4.20
N ALA A 20 -0.05 4.75 -4.81
CA ALA A 20 -0.03 4.97 -6.25
C ALA A 20 -0.17 3.72 -7.08
N ASP A 21 -0.01 2.55 -6.49
CA ASP A 21 -0.19 1.32 -7.26
C ASP A 21 -1.65 1.00 -7.31
N VAL A 22 -2.36 1.33 -6.24
CA VAL A 22 -3.81 1.11 -6.16
C VAL A 22 -4.50 1.88 -7.25
N ILE A 23 -4.25 3.18 -7.27
CA ILE A 23 -4.81 4.09 -8.27
C ILE A 23 -4.39 3.64 -9.67
N GLY A 24 -3.17 3.17 -9.80
CA GLY A 24 -2.73 2.67 -11.07
C GLY A 24 -3.34 1.33 -11.42
N ALA A 25 -3.84 0.56 -10.45
CA ALA A 25 -4.29 -0.80 -10.80
C ALA A 25 -5.76 -1.11 -10.57
N LEU A 26 -6.39 -0.44 -9.63
CA LEU A 26 -7.78 -0.75 -9.29
C LEU A 26 -8.79 -0.43 -10.40
N PRO A 27 -8.72 0.79 -10.99
CA PRO A 27 -9.79 1.19 -11.88
C PRO A 27 -9.92 0.24 -13.03
N ALA A 28 -8.80 -0.19 -13.62
CA ALA A 28 -8.93 -1.15 -14.70
C ALA A 28 -9.59 -2.43 -14.19
N ALA A 29 -9.29 -2.85 -12.97
CA ALA A 29 -9.97 -4.06 -12.49
C ALA A 29 -11.47 -3.79 -12.48
N GLN A 30 -11.84 -2.65 -11.88
CA GLN A 30 -13.22 -2.23 -11.86
C GLN A 30 -13.85 -2.21 -13.25
N ILE A 31 -13.18 -1.62 -14.24
CA ILE A 31 -13.76 -1.52 -15.57
C ILE A 31 -14.17 -2.90 -16.00
N ALA A 32 -13.31 -3.88 -15.77
CA ALA A 32 -13.60 -5.22 -16.29
C ALA A 32 -14.65 -5.93 -15.45
N ASP A 33 -15.02 -5.30 -14.35
CA ASP A 33 -15.92 -5.88 -13.37
C ASP A 33 -17.24 -5.12 -13.27
N GLY A 34 -17.69 -4.53 -14.38
CA GLY A 34 -18.97 -3.86 -14.37
C GLY A 34 -18.99 -2.45 -13.79
N VAL A 35 -17.83 -1.93 -13.37
CA VAL A 35 -17.79 -0.58 -12.83
C VAL A 35 -16.99 0.36 -13.68
N ASP A 36 -17.63 1.44 -14.13
CA ASP A 36 -16.99 2.46 -14.96
C ASP A 36 -16.20 3.43 -14.07
N ALA A 37 -14.89 3.19 -13.99
CA ALA A 37 -14.04 3.90 -13.05
C ALA A 37 -13.14 4.92 -13.75
N ARG A 38 -12.97 6.09 -13.16
CA ARG A 38 -12.18 7.10 -13.78
C ARG A 38 -11.33 7.73 -12.74
N VAL A 39 -10.33 8.49 -13.16
CA VAL A 39 -9.42 9.04 -12.18
C VAL A 39 -9.19 10.51 -12.36
N LEU A 40 -9.18 11.21 -11.23
CA LEU A 40 -8.95 12.64 -11.21
C LEU A 40 -7.66 12.81 -10.46
N LEU A 41 -6.73 13.55 -11.06
CA LEU A 41 -5.41 13.78 -10.48
C LEU A 41 -4.99 15.21 -10.75
N PRO A 42 -4.21 15.80 -9.84
CA PRO A 42 -3.59 17.09 -10.20
C PRO A 42 -2.85 16.91 -11.49
N ALA A 43 -2.60 18.00 -12.20
CA ALA A 43 -1.82 17.87 -13.41
C ALA A 43 -0.36 18.23 -13.10
N PHE A 44 0.26 17.41 -12.24
CA PHE A 44 1.69 17.42 -12.08
C PHE A 44 2.33 17.12 -13.43
N PRO A 45 3.49 17.76 -13.70
CA PRO A 45 4.18 17.67 -14.99
C PRO A 45 4.30 16.25 -15.53
N ASP A 46 4.88 15.34 -14.78
CA ASP A 46 4.99 14.00 -15.35
C ASP A 46 3.74 13.16 -15.16
N ILE A 47 2.75 13.66 -14.45
CA ILE A 47 1.42 13.09 -14.59
C ILE A 47 0.91 13.55 -15.95
N ARG A 48 1.09 14.84 -16.28
CA ARG A 48 0.62 15.39 -17.57
C ARG A 48 1.33 14.83 -18.83
N ARG A 49 2.62 14.54 -18.73
CA ARG A 49 3.34 14.05 -19.88
C ARG A 49 2.75 12.75 -20.33
N GLY A 50 2.21 11.98 -19.39
CA GLY A 50 1.68 10.65 -19.70
C GLY A 50 0.37 10.62 -20.50
N VAL A 51 -0.46 11.65 -20.35
CA VAL A 51 -1.73 11.65 -21.06
C VAL A 51 -1.64 12.50 -22.30
N THR A 52 -1.11 11.90 -23.35
CA THR A 52 -0.92 12.54 -24.63
C THR A 52 -2.20 13.19 -25.14
N ASP A 53 -3.33 12.50 -25.00
CA ASP A 53 -4.57 12.92 -25.70
C ASP A 53 -5.48 13.81 -24.90
N ALA A 54 -4.98 14.41 -23.83
CA ALA A 54 -5.85 15.20 -22.95
C ALA A 54 -6.50 16.30 -23.74
N GLN A 55 -7.75 16.59 -23.46
CA GLN A 55 -8.42 17.72 -24.06
C GLN A 55 -9.24 18.48 -23.01
N VAL A 56 -9.60 19.72 -23.32
CA VAL A 56 -10.31 20.54 -22.34
C VAL A 56 -11.73 20.05 -22.12
N VAL A 57 -12.17 20.13 -20.87
CA VAL A 57 -13.51 19.79 -20.49
C VAL A 57 -14.20 21.06 -20.00
N SER A 58 -13.47 21.86 -19.24
CA SER A 58 -13.93 23.18 -18.82
C SER A 58 -12.80 24.07 -18.32
N ARG A 59 -13.03 25.37 -18.39
CA ARG A 59 -12.08 26.34 -17.92
C ARG A 59 -12.88 27.15 -16.93
N ARG A 60 -12.37 27.29 -15.72
CA ARG A 60 -13.19 27.84 -14.66
C ARG A 60 -12.32 28.65 -13.71
N ASP A 61 -12.92 29.53 -12.93
CA ASP A 61 -12.16 30.10 -11.82
C ASP A 61 -12.49 29.39 -10.50
N THR A 62 -11.70 29.68 -9.48
CA THR A 62 -11.67 28.86 -8.30
C THR A 62 -11.24 29.67 -7.11
N PHE A 63 -11.46 29.11 -5.93
CA PHE A 63 -11.03 29.77 -4.72
C PHE A 63 -9.52 29.65 -4.58
N ALA A 64 -8.86 29.17 -5.63
CA ALA A 64 -7.42 29.02 -5.58
C ALA A 64 -6.83 29.30 -6.95
N GLY A 65 -7.68 29.76 -7.86
CA GLY A 65 -7.18 30.25 -9.14
C GLY A 65 -7.81 29.59 -10.32
N HIS A 66 -7.25 29.87 -11.49
CA HIS A 66 -7.78 29.32 -12.71
C HIS A 66 -7.35 27.87 -12.89
N ILE A 67 -8.34 26.98 -12.80
CA ILE A 67 -8.17 25.58 -13.09
C ILE A 67 -8.57 25.49 -14.53
N THR A 68 -8.11 24.45 -15.22
CA THR A 68 -8.70 24.06 -16.49
C THR A 68 -8.72 22.52 -16.56
N LEU A 69 -9.94 21.97 -16.49
CA LEU A 69 -10.15 20.54 -16.42
C LEU A 69 -9.91 19.86 -17.75
N LEU A 70 -8.97 18.91 -17.74
CA LEU A 70 -8.67 18.13 -18.93
C LEU A 70 -9.12 16.72 -18.74
N PHE A 71 -9.21 16.00 -19.85
CA PHE A 71 -9.57 14.59 -19.83
C PHE A 71 -8.85 13.89 -20.96
N GLY A 72 -8.28 12.73 -20.67
CA GLY A 72 -7.72 11.85 -21.69
C GLY A 72 -7.63 10.47 -21.09
N HIS A 73 -6.89 9.57 -21.74
CA HIS A 73 -6.76 8.21 -21.25
C HIS A 73 -5.34 7.82 -20.98
N TYR A 74 -5.19 6.73 -20.25
CA TYR A 74 -3.91 6.13 -19.98
C TYR A 74 -4.08 4.65 -19.83
N ASN A 75 -3.43 3.89 -20.70
CA ASN A 75 -3.65 2.45 -20.68
C ASN A 75 -5.11 2.15 -20.58
N GLY A 76 -5.93 2.89 -21.31
CA GLY A 76 -7.34 2.58 -21.38
C GLY A 76 -8.24 3.08 -20.27
N VAL A 77 -7.70 3.76 -19.27
CA VAL A 77 -8.61 4.32 -18.29
C VAL A 77 -8.71 5.84 -18.33
N GLY A 78 -9.92 6.35 -18.15
CA GLY A 78 -10.17 7.77 -18.30
C GLY A 78 -9.51 8.57 -17.20
N ILE A 79 -8.68 9.54 -17.58
CA ILE A 79 -8.09 10.40 -16.57
C ILE A 79 -8.55 11.85 -16.66
N TYR A 80 -8.88 12.45 -15.53
CA TYR A 80 -9.12 13.86 -15.49
C TYR A 80 -7.91 14.47 -14.85
N LEU A 81 -7.43 15.57 -15.41
CA LEU A 81 -6.34 16.32 -14.80
C LEU A 81 -6.76 17.75 -14.46
N ILE A 82 -6.48 18.15 -13.23
CA ILE A 82 -6.62 19.54 -12.88
C ILE A 82 -5.43 20.35 -13.34
N ASP A 83 -5.53 20.94 -14.53
CA ASP A 83 -4.47 21.80 -15.01
C ASP A 83 -4.53 23.13 -14.32
N ALA A 84 -3.49 23.44 -13.55
CA ALA A 84 -3.43 24.65 -12.72
C ALA A 84 -1.96 25.03 -12.40
N PRO A 85 -1.19 25.49 -13.41
CA PRO A 85 0.26 25.70 -13.33
C PRO A 85 0.73 26.47 -12.09
N HIS A 86 0.02 27.51 -11.71
CA HIS A 86 0.43 28.24 -10.52
C HIS A 86 0.47 27.30 -9.32
N LEU A 87 -0.22 26.17 -9.39
CA LEU A 87 -0.29 25.29 -8.24
C LEU A 87 0.54 24.02 -8.39
N TYR A 88 0.63 23.51 -9.61
CA TYR A 88 1.03 22.14 -9.82
C TYR A 88 2.30 22.00 -10.63
N ASP A 89 2.57 23.00 -11.47
CA ASP A 89 3.77 22.96 -12.28
C ASP A 89 5.01 23.37 -11.48
N ARG A 90 5.69 22.35 -10.97
CA ARG A 90 6.82 22.55 -10.10
C ARG A 90 7.77 21.38 -10.24
N PRO A 91 9.07 21.66 -10.35
CA PRO A 91 9.93 20.51 -10.36
C PRO A 91 10.21 20.05 -8.93
N GLY A 92 10.68 18.82 -8.78
CA GLY A 92 10.92 18.27 -7.46
C GLY A 92 9.72 17.44 -7.03
N SER A 93 9.63 17.19 -5.74
CA SER A 93 8.53 16.40 -5.26
C SER A 93 7.34 17.34 -5.27
N PRO A 94 6.22 16.88 -5.84
CA PRO A 94 4.94 17.57 -5.82
C PRO A 94 4.50 18.02 -4.42
N TYR A 95 5.22 17.64 -3.37
CA TYR A 95 4.84 18.04 -2.02
C TYR A 95 5.80 19.02 -1.35
N HIS A 96 6.98 19.23 -1.93
CA HIS A 96 7.91 20.18 -1.34
C HIS A 96 9.02 20.69 -2.23
N ASP A 97 9.52 21.86 -1.82
CA ASP A 97 10.64 22.55 -2.42
C ASP A 97 11.90 21.69 -2.35
N THR A 98 12.88 22.07 -3.16
CA THR A 98 14.19 21.42 -3.13
C THR A 98 14.71 21.34 -1.69
N ASN A 99 14.52 22.40 -0.91
CA ASN A 99 14.97 22.43 0.47
C ASN A 99 14.16 21.58 1.44
N LEU A 100 13.31 20.71 0.90
CA LEU A 100 12.66 19.64 1.67
C LEU A 100 11.50 20.05 2.61
N PHE A 101 11.12 21.33 2.59
CA PHE A 101 9.95 21.79 3.36
C PHE A 101 8.73 21.78 2.45
N ALA A 102 7.57 21.41 3.01
CA ALA A 102 6.28 21.44 2.30
C ALA A 102 6.02 22.80 1.62
N TYR A 103 5.23 22.80 0.55
CA TYR A 103 4.83 24.06 -0.05
C TYR A 103 3.76 24.72 0.85
N THR A 104 4.02 25.95 1.29
CA THR A 104 3.17 26.60 2.30
C THR A 104 1.74 26.72 1.80
N ASP A 105 1.59 26.79 0.48
CA ASP A 105 0.28 26.98 -0.09
C ASP A 105 -0.39 25.65 -0.35
N ASN A 106 0.20 24.57 0.16
CA ASN A 106 -0.31 23.22 -0.06
C ASN A 106 -1.79 23.04 0.25
N VAL A 107 -2.21 23.61 1.37
CA VAL A 107 -3.62 23.61 1.75
C VAL A 107 -4.52 23.96 0.54
N LEU A 108 -4.20 25.07 -0.12
CA LEU A 108 -4.96 25.46 -1.29
C LEU A 108 -4.83 24.39 -2.39
N ARG A 109 -3.63 23.83 -2.54
CA ARG A 109 -3.38 22.84 -3.59
C ARG A 109 -4.20 21.54 -3.48
N PHE A 110 -4.52 21.11 -2.28
CA PHE A 110 -5.22 19.85 -2.17
C PHE A 110 -6.67 19.99 -1.83
N ALA A 111 -7.02 21.10 -1.17
CA ALA A 111 -8.41 21.50 -1.11
C ALA A 111 -8.90 21.51 -2.55
N LEU A 112 -8.12 22.11 -3.43
CA LEU A 112 -8.52 22.11 -4.81
C LEU A 112 -8.83 20.70 -5.36
N LEU A 113 -7.95 19.74 -5.11
CA LEU A 113 -8.20 18.36 -5.55
C LEU A 113 -9.56 17.85 -5.03
N GLY A 114 -9.81 18.03 -3.74
CA GLY A 114 -11.07 17.59 -3.19
C GLY A 114 -12.23 18.23 -3.91
N TRP A 115 -12.25 19.55 -3.88
CA TRP A 115 -13.28 20.36 -4.49
C TRP A 115 -13.58 19.93 -5.92
N VAL A 116 -12.55 19.69 -6.73
CA VAL A 116 -12.89 19.25 -8.07
C VAL A 116 -13.59 17.89 -8.00
N GLY A 117 -13.12 17.06 -7.10
CA GLY A 117 -13.75 15.78 -6.93
C GLY A 117 -15.23 15.99 -6.67
N ALA A 118 -15.52 16.77 -5.65
CA ALA A 118 -16.92 17.08 -5.32
C ALA A 118 -17.66 17.73 -6.47
N GLU A 119 -16.98 18.63 -7.17
CA GLU A 119 -17.64 19.31 -8.26
C GLU A 119 -18.00 18.33 -9.35
N MET A 120 -17.14 17.35 -9.57
CA MET A 120 -17.45 16.32 -10.53
C MET A 120 -18.81 15.69 -10.21
N ALA A 121 -19.09 15.51 -8.94
CA ALA A 121 -20.30 14.80 -8.55
C ALA A 121 -21.54 15.66 -8.83
N SER A 122 -21.33 16.97 -8.92
CA SER A 122 -22.43 17.89 -9.20
C SER A 122 -22.58 18.20 -10.70
N GLY A 123 -21.75 17.58 -11.53
CA GLY A 123 -21.90 17.72 -12.97
C GLY A 123 -20.91 18.67 -13.63
N LEU A 124 -19.78 18.92 -12.99
CA LEU A 124 -18.77 19.78 -13.60
C LEU A 124 -18.40 19.29 -15.01
N ASP A 125 -18.59 18.01 -15.27
CA ASP A 125 -18.43 17.49 -16.62
C ASP A 125 -19.80 17.09 -17.10
N PRO A 126 -20.26 17.76 -18.15
CA PRO A 126 -21.65 17.63 -18.61
C PRO A 126 -21.96 16.26 -19.21
N PHE A 127 -20.92 15.50 -19.56
CA PHE A 127 -21.13 14.20 -20.19
C PHE A 127 -21.05 12.99 -19.21
N TRP A 128 -20.49 13.20 -18.03
CA TRP A 128 -20.21 12.10 -17.11
C TRP A 128 -20.15 12.58 -15.65
N ARG A 129 -20.90 11.91 -14.78
CA ARG A 129 -20.92 12.28 -13.35
C ARG A 129 -20.77 10.97 -12.60
N PRO A 130 -20.04 10.99 -11.47
CA PRO A 130 -19.92 9.79 -10.69
C PRO A 130 -21.06 9.55 -9.68
N ASP A 131 -21.51 8.30 -9.56
CA ASP A 131 -22.46 7.92 -8.49
C ASP A 131 -21.73 7.90 -7.18
N VAL A 132 -20.46 7.53 -7.25
CA VAL A 132 -19.63 7.49 -6.08
C VAL A 132 -18.30 8.14 -6.33
N VAL A 133 -17.94 9.05 -5.43
CA VAL A 133 -16.59 9.58 -5.42
C VAL A 133 -15.79 8.79 -4.41
N HIS A 134 -14.73 8.13 -4.90
CA HIS A 134 -13.85 7.34 -4.05
C HIS A 134 -12.63 8.18 -3.76
N ALA A 135 -12.56 8.75 -2.57
CA ALA A 135 -11.41 9.58 -2.23
C ALA A 135 -10.37 8.75 -1.51
N HIS A 136 -9.09 9.11 -1.74
CA HIS A 136 -7.95 8.30 -1.34
C HIS A 136 -6.92 9.05 -0.53
N ASP A 137 -6.92 8.86 0.78
CA ASP A 137 -5.90 9.48 1.61
C ASP A 137 -6.05 10.98 1.74
N TRP A 138 -5.38 11.55 2.75
CA TRP A 138 -5.56 12.95 3.14
C TRP A 138 -5.52 13.94 1.99
N HIS A 139 -4.70 13.71 0.98
CA HIS A 139 -4.73 14.59 -0.17
C HIS A 139 -6.13 14.83 -0.70
N ALA A 140 -6.95 13.77 -0.79
CA ALA A 140 -8.33 13.92 -1.24
C ALA A 140 -9.29 14.05 -0.07
N GLY A 141 -8.76 14.24 1.14
CA GLY A 141 -9.55 14.25 2.38
C GLY A 141 -10.74 15.21 2.43
N LEU A 142 -10.67 16.33 1.70
CA LEU A 142 -11.77 17.27 1.72
C LEU A 142 -12.92 16.91 0.77
N ALA A 143 -12.64 16.14 -0.27
CA ALA A 143 -13.69 15.73 -1.21
C ALA A 143 -14.99 15.22 -0.57
N PRO A 144 -14.88 14.41 0.50
CA PRO A 144 -16.11 13.98 1.18
C PRO A 144 -16.78 15.14 1.92
N ALA A 145 -15.97 16.11 2.35
CA ALA A 145 -16.48 17.33 2.98
C ALA A 145 -17.20 18.24 1.96
N TYR A 146 -16.51 18.62 0.89
CA TYR A 146 -17.18 19.43 -0.09
C TYR A 146 -18.49 18.74 -0.45
N LEU A 147 -18.44 17.44 -0.65
CA LEU A 147 -19.67 16.70 -0.94
C LEU A 147 -20.75 17.01 0.08
N ALA A 148 -20.38 16.96 1.35
CA ALA A 148 -21.37 17.09 2.39
C ALA A 148 -22.03 18.47 2.27
N ALA A 149 -21.22 19.51 2.13
CA ALA A 149 -21.72 20.85 1.90
C ALA A 149 -22.64 20.92 0.67
N ARG A 150 -22.54 19.99 -0.28
CA ARG A 150 -23.48 20.04 -1.40
C ARG A 150 -24.62 19.05 -1.23
N GLY A 151 -24.88 18.69 0.02
CA GLY A 151 -25.93 17.75 0.38
C GLY A 151 -25.76 16.44 -0.37
N ARG A 152 -24.52 15.94 -0.39
CA ARG A 152 -24.20 14.57 -0.86
C ARG A 152 -24.73 14.15 -2.23
N PRO A 153 -24.46 14.97 -3.25
CA PRO A 153 -24.87 14.76 -4.64
C PRO A 153 -24.46 13.40 -5.20
N ALA A 154 -23.36 12.84 -4.70
CA ALA A 154 -23.00 11.43 -4.97
C ALA A 154 -22.53 10.75 -3.67
N LYS A 155 -22.58 9.43 -3.62
CA LYS A 155 -22.12 8.77 -2.39
C LYS A 155 -20.58 8.81 -2.39
N SER A 156 -20.00 8.76 -1.20
CA SER A 156 -18.55 8.87 -1.09
C SER A 156 -18.02 7.78 -0.18
N VAL A 157 -16.98 7.09 -0.65
CA VAL A 157 -16.17 6.24 0.21
C VAL A 157 -14.75 6.74 0.19
N PHE A 158 -14.16 6.82 1.38
CA PHE A 158 -12.80 7.28 1.55
C PHE A 158 -11.95 6.16 2.08
N THR A 159 -10.87 5.81 1.39
CA THR A 159 -9.99 4.83 1.98
C THR A 159 -8.73 5.49 2.51
N VAL A 160 -8.34 5.05 3.70
CA VAL A 160 -7.14 5.55 4.30
C VAL A 160 -5.98 4.61 3.96
N HIS A 161 -4.97 5.14 3.28
CA HIS A 161 -3.82 4.31 2.96
C HIS A 161 -2.78 4.48 4.02
N ASN A 162 -2.81 5.62 4.69
CA ASN A 162 -1.79 6.01 5.67
C ASN A 162 -2.28 6.76 6.93
N LEU A 163 -2.94 6.06 7.86
CA LEU A 163 -3.51 6.75 9.04
C LEU A 163 -2.52 7.69 9.69
N ALA A 164 -1.28 7.65 9.23
CA ALA A 164 -0.20 8.39 9.85
C ALA A 164 -0.15 9.83 9.40
N TYR A 165 -0.42 10.07 8.12
CA TYR A 165 -0.39 11.43 7.59
C TYR A 165 -1.73 12.12 7.80
N GLN A 166 -1.78 12.99 8.80
CA GLN A 166 -3.01 13.63 9.22
C GLN A 166 -3.48 14.71 8.25
N GLY A 167 -2.56 15.27 7.47
CA GLY A 167 -2.89 16.40 6.59
C GLY A 167 -3.31 17.64 7.39
N MET A 168 -2.43 18.09 8.29
CA MET A 168 -2.72 19.18 9.20
C MET A 168 -2.57 20.52 8.52
N PHE A 169 -3.38 21.48 8.92
CA PHE A 169 -3.20 22.89 8.55
C PHE A 169 -3.76 23.77 9.66
N TYR A 170 -3.30 25.02 9.70
CA TYR A 170 -3.76 25.99 10.70
C TYR A 170 -5.26 26.29 10.53
N ALA A 171 -5.94 26.55 11.64
CA ALA A 171 -7.38 26.81 11.64
C ALA A 171 -7.77 28.01 10.76
N HIS A 172 -6.93 29.05 10.75
CA HIS A 172 -7.25 30.27 10.03
C HIS A 172 -7.34 30.07 8.52
N HIS A 173 -7.14 28.84 8.06
CA HIS A 173 -7.29 28.56 6.66
C HIS A 173 -8.74 28.27 6.36
N MET A 174 -9.54 28.14 7.41
CA MET A 174 -10.99 28.00 7.23
C MET A 174 -11.46 29.09 6.27
N ASN A 175 -10.79 30.23 6.34
CA ASN A 175 -11.19 31.39 5.56
C ASN A 175 -10.75 31.32 4.10
N ASP A 176 -10.25 30.17 3.65
CA ASP A 176 -9.69 30.08 2.31
C ASP A 176 -10.23 28.89 1.52
N ILE A 177 -10.77 27.90 2.22
CA ILE A 177 -11.11 26.65 1.55
C ILE A 177 -12.60 26.48 1.27
N GLN A 178 -13.39 27.49 1.62
CA GLN A 178 -14.79 27.55 1.20
C GLN A 178 -15.65 26.33 1.61
N LEU A 179 -15.63 26.02 2.90
CA LEU A 179 -16.58 25.05 3.42
C LEU A 179 -17.36 25.79 4.50
N PRO A 180 -18.55 25.28 4.84
CA PRO A 180 -19.31 25.85 5.93
C PRO A 180 -18.50 25.94 7.20
N TRP A 181 -18.46 27.12 7.78
CA TRP A 181 -17.88 27.32 9.09
C TRP A 181 -18.18 26.19 10.09
N SER A 182 -19.41 25.68 10.12
CA SER A 182 -19.78 24.72 11.15
C SER A 182 -18.90 23.47 11.09
N PHE A 183 -18.30 23.26 9.93
CA PHE A 183 -17.53 22.04 9.68
C PHE A 183 -16.29 22.02 10.54
N PHE A 184 -15.76 23.20 10.83
CA PHE A 184 -14.69 23.26 11.76
C PHE A 184 -15.26 22.99 13.13
N ASN A 185 -15.47 21.72 13.42
CA ASN A 185 -15.95 21.33 14.70
C ASN A 185 -15.49 19.89 15.03
N ILE A 186 -15.31 19.60 16.31
CA ILE A 186 -14.78 18.29 16.70
C ILE A 186 -15.58 17.22 16.00
N HIS A 187 -16.89 17.45 15.90
CA HIS A 187 -17.73 16.63 15.04
C HIS A 187 -17.61 17.20 13.62
N GLY A 188 -16.52 16.86 12.95
CA GLY A 188 -16.17 17.44 11.66
C GLY A 188 -14.68 17.59 11.57
N LEU A 189 -14.20 18.34 10.60
CA LEU A 189 -12.79 18.31 10.24
C LEU A 189 -11.85 18.96 11.25
N GLU A 190 -12.40 19.35 12.40
CA GLU A 190 -11.58 19.85 13.51
C GLU A 190 -10.82 18.68 14.11
N PHE A 191 -9.53 18.89 14.35
CA PHE A 191 -8.72 17.87 15.01
C PHE A 191 -7.59 18.50 15.79
N ASN A 192 -7.57 18.28 17.10
CA ASN A 192 -6.58 18.92 17.96
C ASN A 192 -6.26 20.36 17.55
N GLY A 193 -7.28 21.21 17.55
CA GLY A 193 -7.09 22.64 17.31
C GLY A 193 -6.88 23.09 15.87
N GLN A 194 -6.80 22.12 14.95
CA GLN A 194 -6.53 22.42 13.54
C GLN A 194 -7.43 21.67 12.58
N ILE A 195 -7.35 22.08 11.32
CA ILE A 195 -7.98 21.39 10.21
C ILE A 195 -7.22 20.12 9.94
N SER A 196 -7.94 19.06 9.58
CA SER A 196 -7.27 17.84 9.16
C SER A 196 -7.99 17.24 7.98
N PHE A 197 -7.37 17.31 6.81
CA PHE A 197 -7.96 16.71 5.63
C PHE A 197 -8.34 15.27 5.94
N LEU A 198 -7.57 14.62 6.82
CA LEU A 198 -7.88 13.23 7.12
C LEU A 198 -9.14 13.12 7.95
N LYS A 199 -9.15 13.82 9.08
CA LYS A 199 -10.32 13.85 9.95
C LYS A 199 -11.52 14.24 9.09
N ALA A 200 -11.32 15.21 8.21
CA ALA A 200 -12.33 15.54 7.19
C ALA A 200 -12.81 14.25 6.52
N GLY A 201 -11.97 13.67 5.68
CA GLY A 201 -12.34 12.49 4.93
C GLY A 201 -12.96 11.45 5.84
N LEU A 202 -12.40 11.30 7.02
CA LEU A 202 -12.84 10.25 7.93
C LEU A 202 -14.24 10.50 8.41
N TYR A 203 -14.52 11.78 8.70
CA TYR A 203 -15.81 12.21 9.22
C TYR A 203 -16.89 12.26 8.16
N TYR A 204 -16.59 12.93 7.04
CA TYR A 204 -17.59 13.19 6.02
C TYR A 204 -17.94 12.03 5.09
N ALA A 205 -17.09 11.01 4.99
CA ALA A 205 -17.31 9.97 3.99
C ALA A 205 -18.53 9.16 4.31
N ASP A 206 -19.27 8.73 3.31
CA ASP A 206 -20.44 7.93 3.63
C ASP A 206 -19.99 6.65 4.29
N HIS A 207 -18.86 6.15 3.84
CA HIS A 207 -18.30 4.92 4.36
C HIS A 207 -16.78 4.97 4.26
N ILE A 208 -16.08 4.31 5.19
CA ILE A 208 -14.62 4.34 5.18
C ILE A 208 -14.03 2.98 4.95
N THR A 209 -12.79 2.97 4.51
CA THR A 209 -12.10 1.74 4.16
C THR A 209 -10.65 1.76 4.64
N ALA A 210 -10.21 0.63 5.15
CA ALA A 210 -8.79 0.44 5.37
C ALA A 210 -8.24 -0.64 4.42
N VAL A 211 -6.92 -0.73 4.33
CA VAL A 211 -6.32 -1.60 3.32
C VAL A 211 -6.35 -3.07 3.66
N SER A 212 -6.91 -3.42 4.82
CA SER A 212 -7.19 -4.81 5.16
C SER A 212 -8.31 -4.90 6.18
N PRO A 213 -9.09 -5.97 6.09
CA PRO A 213 -10.12 -6.28 7.08
C PRO A 213 -9.68 -6.11 8.53
N THR A 214 -8.53 -6.67 8.90
CA THR A 214 -8.20 -6.62 10.32
C THR A 214 -7.58 -5.29 10.69
N TYR A 215 -6.74 -4.73 9.84
CA TYR A 215 -6.21 -3.39 10.16
C TYR A 215 -7.41 -2.43 10.29
N ALA A 216 -8.52 -2.81 9.67
CA ALA A 216 -9.76 -2.06 9.78
C ALA A 216 -10.25 -2.15 11.21
N ARG A 217 -10.43 -3.37 11.71
CA ARG A 217 -10.71 -3.55 13.13
C ARG A 217 -9.61 -2.99 14.02
N GLU A 218 -8.35 -3.14 13.61
CA GLU A 218 -7.25 -2.68 14.47
C GLU A 218 -7.29 -1.20 14.82
N ILE A 219 -7.62 -0.36 13.85
CA ILE A 219 -7.48 1.07 14.06
C ILE A 219 -8.58 1.63 14.94
N THR A 220 -9.55 0.80 15.32
CA THR A 220 -10.51 1.22 16.33
C THR A 220 -9.89 1.14 17.73
N GLU A 221 -8.76 0.48 17.86
CA GLU A 221 -8.05 0.48 19.15
C GLU A 221 -7.10 1.67 19.23
N PRO A 222 -7.04 2.29 20.40
CA PRO A 222 -6.25 3.53 20.63
C PRO A 222 -4.73 3.44 20.31
N GLN A 223 -4.12 2.27 20.50
CA GLN A 223 -2.70 2.07 20.13
C GLN A 223 -2.45 2.44 18.66
N PHE A 224 -3.39 2.03 17.81
CA PHE A 224 -3.23 2.11 16.37
C PHE A 224 -3.68 3.46 15.81
N ALA A 225 -4.68 4.07 16.47
CA ALA A 225 -5.51 5.10 15.84
C ALA A 225 -4.91 6.49 15.58
N TYR A 226 -3.65 6.73 15.96
CA TYR A 226 -3.09 8.09 15.93
C TYR A 226 -4.16 9.12 16.33
N GLY A 227 -4.81 8.85 17.45
CA GLY A 227 -5.81 9.76 18.00
C GLY A 227 -7.14 9.87 17.26
N MET A 228 -7.42 9.03 16.27
CA MET A 228 -8.73 9.06 15.63
C MET A 228 -9.61 7.96 16.18
N GLU A 229 -9.32 7.46 17.38
CA GLU A 229 -10.05 6.27 17.85
C GLU A 229 -11.54 6.51 18.06
N GLY A 230 -11.89 7.66 18.64
CA GLY A 230 -13.28 7.98 18.93
C GLY A 230 -14.17 7.84 17.70
N LEU A 231 -13.85 8.65 16.68
CA LEU A 231 -14.58 8.67 15.41
C LEU A 231 -14.68 7.27 14.78
N LEU A 232 -13.52 6.64 14.64
CA LEU A 232 -13.40 5.29 14.13
C LEU A 232 -14.29 4.27 14.83
N GLN A 233 -14.27 4.25 16.16
CA GLN A 233 -15.11 3.27 16.86
C GLN A 233 -16.58 3.48 16.48
N GLN A 234 -16.94 4.75 16.34
CA GLN A 234 -18.31 5.09 16.07
C GLN A 234 -18.73 4.60 14.69
N ARG A 235 -17.96 5.01 13.68
CA ARG A 235 -18.24 4.56 12.33
C ARG A 235 -18.34 3.05 12.29
N HIS A 236 -17.58 2.38 13.14
CA HIS A 236 -17.68 0.95 13.26
C HIS A 236 -19.03 0.51 13.83
N ARG A 237 -19.40 1.08 14.98
CA ARG A 237 -20.72 0.81 15.55
C ARG A 237 -21.76 0.96 14.43
N GLU A 238 -21.68 2.06 13.69
CA GLU A 238 -22.60 2.32 12.59
C GLU A 238 -22.46 1.41 11.37
N GLY A 239 -21.33 0.71 11.24
CA GLY A 239 -21.16 -0.14 10.09
C GLY A 239 -20.74 0.61 8.83
N ARG A 240 -20.02 1.70 9.00
CA ARG A 240 -19.46 2.32 7.81
C ARG A 240 -17.94 2.41 7.85
N LEU A 241 -17.37 1.38 8.49
CA LEU A 241 -15.93 1.17 8.51
C LEU A 241 -15.60 -0.28 8.24
N SER A 242 -15.09 -0.57 7.06
CA SER A 242 -14.59 -1.89 6.75
C SER A 242 -13.22 -1.84 6.04
N GLY A 243 -12.62 -3.00 5.85
CA GLY A 243 -11.33 -3.08 5.19
C GLY A 243 -11.43 -3.86 3.91
N VAL A 244 -10.66 -3.44 2.91
CA VAL A 244 -10.52 -4.23 1.68
C VAL A 244 -9.05 -4.40 1.36
N LEU A 245 -8.68 -5.64 1.11
CA LEU A 245 -7.29 -6.02 0.97
C LEU A 245 -6.84 -5.47 -0.36
N ASN A 246 -5.62 -4.96 -0.43
CA ASN A 246 -5.15 -4.45 -1.72
C ASN A 246 -4.73 -5.58 -2.66
N GLY A 247 -4.40 -5.23 -3.89
CA GLY A 247 -4.11 -6.26 -4.89
C GLY A 247 -2.68 -6.27 -5.39
N VAL A 248 -2.38 -7.24 -6.23
CA VAL A 248 -1.03 -7.41 -6.73
C VAL A 248 -1.05 -7.41 -8.25
N ASP A 249 -0.39 -6.44 -8.88
CA ASP A 249 -0.42 -6.43 -10.35
C ASP A 249 0.39 -7.56 -10.97
N GLU A 250 -0.28 -8.61 -11.41
CA GLU A 250 0.40 -9.74 -12.05
C GLU A 250 1.39 -9.27 -13.15
N LYS A 251 1.04 -8.19 -13.82
CA LYS A 251 1.91 -7.68 -14.86
C LYS A 251 3.28 -7.27 -14.34
N ILE A 252 3.33 -6.55 -13.21
CA ILE A 252 4.62 -6.20 -12.57
C ILE A 252 5.21 -7.32 -11.72
N TRP A 253 4.38 -7.94 -10.88
CA TRP A 253 4.81 -8.95 -9.93
C TRP A 253 4.26 -10.32 -10.29
N SER A 254 5.13 -11.24 -10.70
CA SER A 254 4.68 -12.55 -11.19
C SER A 254 5.85 -13.26 -11.78
N PRO A 255 6.26 -14.41 -11.18
CA PRO A 255 7.42 -15.17 -11.63
C PRO A 255 7.30 -15.72 -13.03
N GLU A 256 6.13 -15.67 -13.64
CA GLU A 256 6.01 -16.25 -14.97
C GLU A 256 6.61 -15.33 -16.04
N THR A 257 6.58 -14.02 -15.78
CA THR A 257 6.82 -13.00 -16.79
C THR A 257 7.87 -11.97 -16.39
N ASP A 258 8.28 -12.03 -15.13
CA ASP A 258 9.21 -11.06 -14.57
C ASP A 258 10.52 -11.07 -15.36
N LEU A 259 10.71 -10.02 -16.16
CA LEU A 259 11.89 -9.92 -17.01
C LEU A 259 13.15 -9.61 -16.21
N LEU A 260 12.98 -9.26 -14.93
CA LEU A 260 14.11 -8.98 -14.03
C LEU A 260 14.82 -10.22 -13.49
N LEU A 261 14.31 -11.42 -13.76
CA LEU A 261 14.85 -12.60 -13.12
C LEU A 261 15.80 -13.36 -13.99
N ALA A 262 16.81 -13.95 -13.37
CA ALA A 262 17.67 -14.85 -14.10
C ALA A 262 16.81 -15.95 -14.71
N SER A 263 15.72 -16.35 -14.06
CA SER A 263 14.85 -17.37 -14.64
C SER A 263 13.36 -17.28 -14.25
N ARG A 264 12.48 -17.09 -15.24
CA ARG A 264 11.03 -17.13 -15.01
C ARG A 264 10.65 -18.55 -14.62
N TYR A 265 9.61 -18.70 -13.80
CA TYR A 265 9.12 -20.05 -13.43
C TYR A 265 7.66 -19.97 -13.07
N THR A 266 7.02 -21.14 -13.01
CA THR A 266 5.59 -21.26 -12.64
C THR A 266 5.34 -22.19 -11.46
N ARG A 267 4.11 -22.12 -10.96
CA ARG A 267 3.64 -22.98 -9.88
C ARG A 267 3.89 -24.47 -10.10
N ASP A 268 4.09 -24.89 -11.35
CA ASP A 268 4.44 -26.29 -11.60
C ASP A 268 5.72 -26.40 -12.38
N THR A 269 6.62 -25.45 -12.17
CA THR A 269 8.00 -25.56 -12.62
C THR A 269 8.97 -24.98 -11.57
N LEU A 270 8.70 -25.23 -10.31
CA LEU A 270 9.50 -24.61 -9.27
C LEU A 270 10.98 -24.99 -9.30
N GLU A 271 11.35 -25.95 -10.14
CA GLU A 271 12.74 -26.38 -10.23
C GLU A 271 13.47 -25.26 -10.89
N ASP A 272 12.73 -24.50 -11.68
CA ASP A 272 13.34 -23.36 -12.36
C ASP A 272 13.69 -22.19 -11.44
N LYS A 273 13.13 -22.17 -10.25
CA LYS A 273 13.47 -21.08 -9.33
C LYS A 273 14.94 -21.15 -8.85
N ALA A 274 15.57 -22.32 -8.97
CA ALA A 274 16.89 -22.54 -8.37
C ALA A 274 18.02 -21.61 -8.85
N GLU A 275 18.11 -21.35 -10.16
CA GLU A 275 19.12 -20.41 -10.63
C GLU A 275 18.91 -19.06 -9.94
N ASN A 276 17.69 -18.55 -10.00
CA ASN A 276 17.33 -17.33 -9.27
C ASN A 276 17.92 -17.30 -7.88
N LYS A 277 17.86 -18.44 -7.18
CA LYS A 277 18.48 -18.55 -5.87
C LYS A 277 19.99 -18.42 -6.03
N ARG A 278 20.61 -19.47 -6.56
CA ARG A 278 22.04 -19.43 -6.85
C ARG A 278 22.45 -17.98 -7.14
N GLN A 279 21.96 -17.42 -8.25
CA GLN A 279 22.33 -16.06 -8.60
C GLN A 279 22.25 -15.12 -7.39
N LEU A 280 21.12 -15.11 -6.69
CA LEU A 280 20.99 -14.28 -5.49
C LEU A 280 22.12 -14.51 -4.50
N GLN A 281 22.41 -15.76 -4.13
CA GLN A 281 23.40 -15.95 -3.07
C GLN A 281 24.69 -15.29 -3.54
N ILE A 282 25.04 -15.61 -4.77
CA ILE A 282 26.15 -15.00 -5.45
C ILE A 282 26.10 -13.49 -5.26
N ALA A 283 25.10 -12.86 -5.88
CA ALA A 283 25.02 -11.39 -5.89
C ALA A 283 25.05 -10.73 -4.50
N MET A 284 24.94 -11.52 -3.44
CA MET A 284 24.67 -10.97 -2.14
C MET A 284 25.83 -11.31 -1.22
N GLY A 285 26.68 -12.21 -1.69
CA GLY A 285 27.88 -12.57 -0.97
C GLY A 285 27.71 -13.83 -0.15
N LEU A 286 26.80 -14.70 -0.56
CA LEU A 286 26.45 -15.84 0.27
C LEU A 286 26.90 -17.18 -0.30
N LYS A 287 27.36 -18.07 0.56
CA LYS A 287 27.78 -19.38 0.10
C LYS A 287 26.70 -19.85 -0.87
N VAL A 288 27.07 -20.05 -2.13
CA VAL A 288 26.20 -20.72 -3.08
C VAL A 288 26.03 -22.15 -2.58
N ASP A 289 24.79 -22.54 -2.34
CA ASP A 289 24.50 -23.74 -1.58
C ASP A 289 22.99 -23.85 -1.52
N ASP A 290 22.45 -24.95 -2.03
CA ASP A 290 21.02 -25.05 -2.16
C ASP A 290 20.41 -25.93 -1.11
N LYS A 291 21.23 -26.60 -0.31
CA LYS A 291 20.68 -27.53 0.69
C LYS A 291 20.14 -26.74 1.89
N VAL A 292 20.20 -25.42 1.79
CA VAL A 292 19.94 -24.57 2.94
C VAL A 292 18.95 -23.41 2.65
N PRO A 293 18.05 -23.13 3.60
CA PRO A 293 17.02 -22.14 3.35
C PRO A 293 17.54 -20.71 3.44
N LEU A 294 17.21 -19.92 2.43
CA LEU A 294 17.58 -18.52 2.36
C LEU A 294 16.40 -17.64 2.78
N PHE A 295 16.56 -16.92 3.89
CA PHE A 295 15.55 -16.00 4.40
C PHE A 295 15.85 -14.60 3.93
N ALA A 296 14.86 -13.91 3.35
CA ALA A 296 15.06 -12.53 2.91
C ALA A 296 14.31 -11.48 3.74
N VAL A 297 14.85 -10.27 3.72
CA VAL A 297 14.13 -9.10 4.24
C VAL A 297 14.23 -7.97 3.21
N VAL A 298 13.08 -7.48 2.77
CA VAL A 298 13.04 -6.36 1.86
C VAL A 298 12.07 -5.37 2.48
N SER A 299 12.59 -4.36 3.15
CA SER A 299 11.73 -3.52 3.98
C SER A 299 12.49 -2.31 4.53
N ARG A 300 11.76 -1.24 4.84
CA ARG A 300 12.36 -0.16 5.60
C ARG A 300 12.86 -0.74 6.93
N LEU A 301 14.06 -0.40 7.34
CA LEU A 301 14.58 -0.91 8.59
C LEU A 301 14.12 -0.10 9.80
N THR A 302 13.07 -0.60 10.46
CA THR A 302 12.41 0.10 11.58
C THR A 302 11.84 -0.85 12.63
N SER A 303 11.37 -0.26 13.73
CA SER A 303 10.70 -1.00 14.78
C SER A 303 9.32 -1.48 14.29
N GLN A 304 8.51 -0.56 13.76
CA GLN A 304 7.21 -0.94 13.20
C GLN A 304 7.33 -2.22 12.38
N LYS A 305 8.44 -2.36 11.68
CA LYS A 305 8.63 -3.48 10.77
C LYS A 305 9.10 -4.77 11.49
N GLY A 306 9.72 -4.59 12.64
CA GLY A 306 10.09 -5.73 13.46
C GLY A 306 11.55 -6.16 13.37
N LEU A 307 12.37 -5.34 12.73
CA LEU A 307 13.73 -5.75 12.44
C LEU A 307 14.61 -5.86 13.67
N ASP A 308 14.29 -5.07 14.69
CA ASP A 308 14.94 -5.27 16.00
C ASP A 308 14.77 -6.71 16.44
N LEU A 309 13.60 -7.24 16.15
CA LEU A 309 13.29 -8.60 16.44
C LEU A 309 14.08 -9.53 15.58
N VAL A 310 14.25 -9.17 14.30
CA VAL A 310 14.98 -10.04 13.40
C VAL A 310 16.43 -10.15 13.84
N LEU A 311 16.98 -9.00 14.19
CA LEU A 311 18.32 -8.92 14.72
C LEU A 311 18.50 -9.77 15.98
N GLU A 312 17.59 -9.66 16.95
CA GLU A 312 17.69 -10.53 18.12
C GLU A 312 17.67 -11.99 17.71
N ALA A 313 16.77 -12.36 16.79
CA ALA A 313 16.66 -13.76 16.34
C ALA A 313 17.83 -14.26 15.52
N LEU A 314 18.48 -13.36 14.80
CA LEU A 314 19.51 -13.74 13.86
C LEU A 314 20.37 -14.93 14.30
N PRO A 315 21.13 -14.77 15.41
CA PRO A 315 22.02 -15.86 15.86
C PRO A 315 21.33 -17.23 15.82
N GLY A 316 20.16 -17.35 16.40
CA GLY A 316 19.43 -18.61 16.30
C GLY A 316 19.22 -19.05 14.87
N LEU A 317 18.77 -18.14 14.02
CA LEU A 317 18.44 -18.53 12.66
C LEU A 317 19.68 -19.13 12.05
N LEU A 318 20.80 -18.46 12.26
CA LEU A 318 22.09 -18.90 11.72
C LEU A 318 22.50 -20.22 12.36
N GLU A 319 22.50 -20.25 13.70
CA GLU A 319 22.77 -21.50 14.46
C GLU A 319 22.18 -22.75 13.80
N GLN A 320 21.00 -22.65 13.20
CA GLN A 320 20.37 -23.83 12.62
C GLN A 320 20.51 -23.87 11.13
N GLY A 321 21.52 -23.20 10.62
CA GLY A 321 21.92 -23.47 9.26
C GLY A 321 21.44 -22.48 8.24
N GLY A 322 20.45 -21.68 8.58
CA GLY A 322 19.87 -20.80 7.57
C GLY A 322 20.80 -19.66 7.17
N GLN A 323 20.38 -18.87 6.19
CA GLN A 323 21.08 -17.65 5.87
C GLN A 323 20.08 -16.54 5.59
N LEU A 324 20.57 -15.30 5.67
CA LEU A 324 19.73 -14.12 5.56
C LEU A 324 20.31 -13.15 4.55
N ALA A 325 19.48 -12.70 3.61
CA ALA A 325 19.82 -11.60 2.71
C ALA A 325 18.87 -10.44 2.96
N LEU A 326 19.41 -9.27 3.25
CA LEU A 326 18.59 -8.13 3.60
C LEU A 326 18.78 -6.95 2.66
N LEU A 327 17.68 -6.32 2.26
CA LEU A 327 17.75 -5.14 1.42
C LEU A 327 16.80 -4.07 1.90
N GLY A 328 17.32 -3.09 2.63
CA GLY A 328 16.47 -1.97 3.07
C GLY A 328 17.24 -0.83 3.70
N ALA A 329 16.50 0.14 4.23
CA ALA A 329 17.11 1.31 4.85
C ALA A 329 16.25 1.87 5.97
N GLY A 330 16.82 2.73 6.80
CA GLY A 330 16.05 3.36 7.86
C GLY A 330 16.87 3.62 9.09
N ASP A 331 16.29 3.32 10.24
CA ASP A 331 16.91 3.58 11.53
C ASP A 331 18.40 3.14 11.66
N PRO A 332 19.32 4.12 11.66
CA PRO A 332 20.75 3.97 11.90
C PRO A 332 21.10 2.78 12.77
N VAL A 333 20.68 2.82 14.03
CA VAL A 333 20.88 1.73 14.97
C VAL A 333 20.77 0.33 14.33
N LEU A 334 19.71 0.15 13.54
CA LEU A 334 19.46 -1.12 12.87
C LEU A 334 20.46 -1.40 11.76
N GLN A 335 20.60 -0.42 10.86
CA GLN A 335 21.61 -0.49 9.82
C GLN A 335 22.94 -0.97 10.39
N GLU A 336 23.39 -0.35 11.48
CA GLU A 336 24.63 -0.80 12.12
C GLU A 336 24.59 -2.28 12.41
N GLY A 337 23.74 -2.66 13.35
CA GLY A 337 23.54 -4.04 13.73
C GLY A 337 23.52 -5.04 12.58
N PHE A 338 22.87 -4.69 11.48
CA PHE A 338 22.83 -5.63 10.35
C PHE A 338 24.14 -5.68 9.60
N LEU A 339 24.78 -4.54 9.42
CA LEU A 339 26.15 -4.51 8.91
C LEU A 339 27.08 -5.32 9.82
N ALA A 340 27.09 -4.97 11.11
CA ALA A 340 27.79 -5.76 12.13
C ALA A 340 27.60 -7.27 11.95
N ALA A 341 26.39 -7.67 11.53
CA ALA A 341 26.07 -9.07 11.47
C ALA A 341 26.69 -9.64 10.23
N ALA A 342 26.69 -8.82 9.17
CA ALA A 342 27.30 -9.23 7.91
C ALA A 342 28.77 -9.44 8.18
N ALA A 343 29.38 -8.46 8.87
CA ALA A 343 30.79 -8.52 9.25
C ALA A 343 31.06 -9.74 10.10
N GLU A 344 30.10 -10.10 10.94
CA GLU A 344 30.32 -11.15 11.90
C GLU A 344 30.11 -12.51 11.28
N TYR A 345 29.24 -12.57 10.29
CA TYR A 345 28.91 -13.83 9.64
C TYR A 345 29.02 -13.75 8.12
N PRO A 346 30.19 -13.36 7.62
CA PRO A 346 30.29 -13.15 6.19
C PRO A 346 30.05 -14.47 5.53
N GLY A 347 29.34 -14.49 4.42
CA GLY A 347 29.02 -15.75 3.77
C GLY A 347 27.61 -16.22 4.05
N GLN A 348 27.09 -15.98 5.25
CA GLN A 348 25.69 -16.35 5.50
C GLN A 348 24.75 -15.20 5.87
N VAL A 349 25.31 -14.03 6.18
CA VAL A 349 24.48 -12.84 6.29
C VAL A 349 24.91 -11.78 5.30
N GLY A 350 24.03 -11.40 4.38
CA GLY A 350 24.40 -10.42 3.37
C GLY A 350 23.48 -9.22 3.36
N VAL A 351 24.03 -8.04 3.50
CA VAL A 351 23.21 -6.88 3.74
C VAL A 351 23.44 -5.75 2.74
N GLN A 352 22.42 -5.36 1.99
CA GLN A 352 22.49 -4.12 1.21
C GLN A 352 21.75 -2.99 1.92
N ILE A 353 22.41 -1.87 2.16
CA ILE A 353 21.69 -0.74 2.75
C ILE A 353 21.24 0.20 1.66
N GLY A 354 19.93 0.43 1.59
CA GLY A 354 19.37 1.28 0.55
C GLY A 354 18.01 0.81 0.12
N TYR A 355 17.67 1.10 -1.12
CA TYR A 355 16.36 0.80 -1.60
C TYR A 355 16.60 0.41 -3.05
N HIS A 356 15.77 -0.45 -3.61
CA HIS A 356 16.02 -0.88 -4.98
C HIS A 356 15.00 -1.87 -5.57
N GLU A 357 13.96 -1.31 -6.19
CA GLU A 357 12.87 -2.12 -6.70
C GLU A 357 13.30 -3.22 -7.65
N ALA A 358 14.26 -2.92 -8.52
CA ALA A 358 14.70 -3.92 -9.48
C ALA A 358 15.31 -5.10 -8.72
N PHE A 359 16.14 -4.77 -7.75
CA PHE A 359 16.84 -5.82 -7.07
C PHE A 359 15.89 -6.59 -6.16
N SER A 360 14.90 -5.91 -5.61
CA SER A 360 13.98 -6.60 -4.74
C SER A 360 13.31 -7.76 -5.49
N HIS A 361 13.08 -7.62 -6.80
CA HIS A 361 12.48 -8.70 -7.58
C HIS A 361 13.40 -9.91 -7.62
N ARG A 362 14.69 -9.65 -7.77
CA ARG A 362 15.67 -10.73 -7.82
C ARG A 362 15.70 -11.43 -6.47
N ILE A 363 15.50 -10.65 -5.41
CA ILE A 363 15.39 -11.23 -4.07
C ILE A 363 14.11 -12.04 -3.92
N MET A 364 13.01 -11.42 -4.28
CA MET A 364 11.72 -12.04 -4.17
C MET A 364 11.72 -13.34 -4.92
N GLY A 365 12.53 -13.43 -5.95
CA GLY A 365 12.48 -14.61 -6.80
C GLY A 365 13.54 -15.64 -6.44
N GLY A 366 14.50 -15.25 -5.63
CA GLY A 366 15.55 -16.19 -5.24
C GLY A 366 15.33 -16.83 -3.86
N ALA A 367 14.94 -16.00 -2.88
CA ALA A 367 14.79 -16.40 -1.49
C ALA A 367 13.80 -17.54 -1.26
N ASP A 368 13.91 -18.21 -0.12
CA ASP A 368 13.03 -19.32 0.17
C ASP A 368 11.94 -18.82 1.06
N VAL A 369 12.31 -17.96 2.00
CA VAL A 369 11.36 -17.38 2.94
C VAL A 369 11.50 -15.88 2.89
N ILE A 370 10.37 -15.17 3.07
CA ILE A 370 10.35 -13.71 3.15
C ILE A 370 9.85 -13.25 4.53
N LEU A 371 10.69 -12.52 5.26
CA LEU A 371 10.41 -12.20 6.66
C LEU A 371 9.58 -10.96 6.79
N VAL A 372 8.34 -11.08 7.24
CA VAL A 372 7.64 -9.85 7.58
C VAL A 372 7.10 -9.90 9.01
N PRO A 373 7.94 -9.51 9.97
CA PRO A 373 7.69 -9.60 11.40
C PRO A 373 7.13 -8.30 11.99
N SER A 374 6.14 -7.71 11.32
CA SER A 374 5.70 -6.36 11.70
C SER A 374 5.11 -6.23 13.12
N ARG A 375 5.43 -5.14 13.82
CA ARG A 375 4.75 -4.81 15.07
C ARG A 375 3.32 -4.33 14.79
N PHE A 376 3.14 -3.78 13.59
CA PHE A 376 1.81 -3.58 13.00
C PHE A 376 2.01 -3.29 11.52
N GLU A 377 1.01 -3.63 10.70
CA GLU A 377 1.23 -3.58 9.27
C GLU A 377 0.15 -2.82 8.54
N PRO A 378 0.46 -1.57 8.19
CA PRO A 378 -0.47 -0.74 7.45
C PRO A 378 -0.57 -1.15 5.99
N CYS A 379 0.54 -1.52 5.35
CA CYS A 379 0.50 -1.82 3.93
CA CYS A 379 0.51 -1.81 3.92
C CYS A 379 1.00 -3.23 3.61
N GLY A 380 0.26 -4.23 4.10
CA GLY A 380 0.63 -5.62 3.85
C GLY A 380 0.75 -5.92 2.37
N LEU A 381 1.93 -5.68 1.80
CA LEU A 381 2.14 -5.98 0.39
C LEU A 381 3.26 -7.00 0.17
N THR A 382 4.39 -6.76 0.82
CA THR A 382 5.54 -7.62 0.69
C THR A 382 5.14 -9.09 0.70
N GLN A 383 4.37 -9.50 1.70
CA GLN A 383 4.04 -10.91 1.84
C GLN A 383 3.19 -11.44 0.67
N LEU A 384 2.46 -10.56 -0.01
CA LEU A 384 1.70 -11.05 -1.14
C LEU A 384 2.66 -11.43 -2.23
N TYR A 385 3.68 -10.60 -2.42
CA TYR A 385 4.66 -10.92 -3.43
C TYR A 385 5.24 -12.28 -3.13
N GLY A 386 5.72 -12.46 -1.91
CA GLY A 386 6.25 -13.74 -1.50
C GLY A 386 5.36 -14.90 -1.92
N LEU A 387 4.07 -14.81 -1.58
CA LEU A 387 3.10 -15.88 -1.84
C LEU A 387 3.05 -16.13 -3.31
N LYS A 388 2.92 -15.04 -4.05
CA LYS A 388 2.85 -15.08 -5.49
C LYS A 388 4.10 -15.70 -6.12
N TYR A 389 5.26 -15.46 -5.53
CA TYR A 389 6.49 -16.03 -6.08
C TYR A 389 6.85 -17.40 -5.58
N GLY A 390 6.01 -17.96 -4.71
CA GLY A 390 6.35 -19.21 -4.04
C GLY A 390 7.49 -19.04 -3.04
N THR A 391 7.63 -17.87 -2.44
CA THR A 391 8.65 -17.75 -1.42
C THR A 391 7.94 -17.45 -0.12
N LEU A 392 7.89 -18.45 0.77
CA LEU A 392 6.91 -18.46 1.83
C LEU A 392 7.15 -17.36 2.83
N PRO A 393 6.09 -16.63 3.14
CA PRO A 393 6.21 -15.52 4.08
C PRO A 393 6.18 -15.98 5.53
N LEU A 394 7.03 -15.40 6.35
CA LEU A 394 6.94 -15.65 7.74
C LEU A 394 6.50 -14.33 8.34
N VAL A 395 5.33 -14.28 8.97
CA VAL A 395 4.79 -12.98 9.38
C VAL A 395 4.19 -12.98 10.77
N ARG A 396 4.13 -11.80 11.38
CA ARG A 396 3.40 -11.68 12.62
C ARG A 396 1.92 -11.71 12.31
N ARG A 397 1.10 -12.11 13.26
CA ARG A 397 -0.36 -12.13 13.08
C ARG A 397 -1.01 -10.72 13.29
N THR A 398 -0.87 -9.83 12.32
CA THR A 398 -1.42 -8.46 12.41
C THR A 398 -1.77 -7.92 11.02
N GLY A 399 -2.63 -6.90 11.02
CA GLY A 399 -3.11 -6.29 9.80
C GLY A 399 -3.25 -7.26 8.64
N GLY A 400 -2.95 -6.76 7.45
CA GLY A 400 -3.13 -7.54 6.25
C GLY A 400 -2.54 -8.93 6.39
N LEU A 401 -1.39 -9.02 7.03
CA LEU A 401 -0.69 -10.29 7.15
C LEU A 401 -1.61 -11.31 7.80
N ALA A 402 -2.19 -10.92 8.93
CA ALA A 402 -3.18 -11.77 9.59
C ALA A 402 -4.32 -12.24 8.67
N ASP A 403 -4.67 -11.45 7.65
CA ASP A 403 -5.71 -11.83 6.67
C ASP A 403 -5.14 -12.63 5.49
N THR A 404 -3.82 -12.68 5.36
CA THR A 404 -3.25 -13.13 4.10
C THR A 404 -2.37 -14.38 4.16
N VAL A 405 -1.79 -14.68 5.32
CA VAL A 405 -0.97 -15.91 5.42
C VAL A 405 -1.53 -17.01 6.34
N SER A 406 -1.46 -18.27 5.90
CA SER A 406 -1.81 -19.43 6.74
C SER A 406 -0.61 -20.18 7.27
N ASP A 407 -0.55 -20.33 8.60
CA ASP A 407 0.57 -21.03 9.24
C ASP A 407 0.68 -22.49 8.85
N SER A 408 1.88 -23.03 8.90
CA SER A 408 2.07 -24.42 8.53
C SER A 408 1.78 -25.32 9.72
N SER A 409 0.54 -25.25 10.21
CA SER A 409 0.10 -26.17 11.23
C SER A 409 -0.30 -27.47 10.56
N LEU A 410 -0.39 -28.56 11.32
CA LEU A 410 -0.91 -29.80 10.75
C LEU A 410 -2.29 -29.60 10.11
N GLU A 411 -3.17 -28.83 10.77
CA GLU A 411 -4.53 -28.58 10.28
C GLU A 411 -4.46 -28.13 8.85
N ASN A 412 -3.83 -26.95 8.70
CA ASN A 412 -3.75 -26.24 7.46
C ASN A 412 -3.03 -27.05 6.40
N LEU A 413 -2.01 -27.78 6.81
CA LEU A 413 -1.36 -28.67 5.87
C LEU A 413 -2.35 -29.69 5.34
N ALA A 414 -3.00 -30.42 6.22
CA ALA A 414 -3.91 -31.42 5.71
C ALA A 414 -5.05 -30.78 4.93
N ASP A 415 -5.48 -29.57 5.28
CA ASP A 415 -6.60 -28.96 4.57
C ASP A 415 -6.12 -28.31 3.29
N GLY A 416 -4.83 -28.43 3.01
CA GLY A 416 -4.24 -27.75 1.87
C GLY A 416 -4.52 -26.25 1.87
N VAL A 417 -4.25 -25.60 2.98
CA VAL A 417 -4.54 -24.19 3.10
C VAL A 417 -3.31 -23.45 3.63
N ALA A 418 -2.37 -24.19 4.19
CA ALA A 418 -1.17 -23.60 4.74
C ALA A 418 -0.42 -22.88 3.62
N SER A 419 0.04 -21.66 3.86
CA SER A 419 0.80 -20.98 2.83
C SER A 419 2.05 -20.24 3.33
N GLY A 420 2.47 -20.49 4.55
CA GLY A 420 3.63 -19.77 5.12
C GLY A 420 3.80 -20.03 6.61
N PHE A 421 4.22 -19.03 7.37
CA PHE A 421 4.40 -19.23 8.80
C PHE A 421 3.95 -17.99 9.54
N VAL A 422 3.35 -18.18 10.69
CA VAL A 422 2.82 -17.06 11.43
C VAL A 422 3.27 -17.12 12.89
N PHE A 423 3.59 -15.97 13.47
CA PHE A 423 3.77 -15.93 14.90
C PHE A 423 2.88 -14.87 15.58
N GLU A 424 2.38 -15.19 16.77
CA GLU A 424 1.42 -14.32 17.47
C GLU A 424 2.08 -13.08 18.06
N ASP A 425 3.14 -13.28 18.83
CA ASP A 425 3.68 -12.22 19.67
C ASP A 425 4.82 -11.43 19.09
N SER A 426 5.00 -10.20 19.55
CA SER A 426 6.08 -9.33 19.08
C SER A 426 7.30 -9.42 19.96
N ASN A 427 7.88 -10.60 20.09
CA ASN A 427 9.18 -10.73 20.75
C ASN A 427 9.97 -11.75 19.99
N ALA A 428 11.22 -11.96 20.38
CA ALA A 428 12.12 -12.81 19.59
C ALA A 428 11.89 -14.30 19.77
N TRP A 429 11.46 -14.68 20.96
CA TRP A 429 11.15 -16.08 21.20
C TRP A 429 10.11 -16.57 20.18
N SER A 430 9.00 -15.86 20.06
CA SER A 430 7.94 -16.40 19.22
C SER A 430 8.37 -16.38 17.77
N LEU A 431 9.12 -15.36 17.38
CA LEU A 431 9.63 -15.33 16.02
C LEU A 431 10.49 -16.57 15.81
N LEU A 432 11.44 -16.80 16.72
CA LEU A 432 12.27 -17.97 16.61
C LEU A 432 11.45 -19.23 16.43
N ARG A 433 10.31 -19.34 17.10
CA ARG A 433 9.52 -20.56 16.94
C ARG A 433 9.07 -20.75 15.50
N ALA A 434 8.59 -19.69 14.88
CA ALA A 434 8.26 -19.76 13.48
C ALA A 434 9.50 -20.07 12.64
N ILE A 435 10.63 -19.48 12.99
CA ILE A 435 11.81 -19.82 12.26
C ILE A 435 12.05 -21.32 12.35
N ARG A 436 12.10 -21.86 13.56
CA ARG A 436 12.17 -23.30 13.74
C ARG A 436 11.19 -24.09 12.86
N ARG A 437 9.95 -23.62 12.87
CA ARG A 437 8.92 -24.24 12.08
C ARG A 437 9.37 -24.31 10.61
N ALA A 438 9.88 -23.20 10.11
CA ALA A 438 10.35 -23.12 8.73
C ALA A 438 11.38 -24.21 8.42
N PHE A 439 12.39 -24.36 9.29
CA PHE A 439 13.37 -25.41 9.06
C PHE A 439 12.66 -26.74 9.04
N VAL A 440 11.81 -26.98 10.02
CA VAL A 440 11.17 -28.28 10.04
C VAL A 440 10.46 -28.52 8.73
N LEU A 441 9.74 -27.52 8.22
CA LEU A 441 9.10 -27.70 6.92
C LEU A 441 10.17 -27.95 5.84
N TRP A 442 11.14 -27.04 5.78
CA TRP A 442 12.23 -27.21 4.84
C TRP A 442 12.77 -28.62 4.81
N SER A 443 12.91 -29.25 5.97
CA SER A 443 13.57 -30.55 5.98
C SER A 443 12.64 -31.66 5.51
N ARG A 444 11.51 -31.29 4.91
CA ARG A 444 10.59 -32.27 4.29
C ARG A 444 10.17 -31.65 2.94
N PRO A 445 11.11 -31.67 1.98
CA PRO A 445 11.06 -30.94 0.73
C PRO A 445 9.77 -31.12 -0.01
N SER A 446 9.13 -32.27 0.15
CA SER A 446 7.94 -32.48 -0.64
C SER A 446 6.80 -31.63 -0.06
N LEU A 447 6.79 -31.54 1.27
CA LEU A 447 5.84 -30.66 1.94
C LEU A 447 6.10 -29.22 1.56
N TRP A 448 7.38 -28.82 1.58
CA TRP A 448 7.74 -27.48 1.18
C TRP A 448 7.13 -27.15 -0.19
N ARG A 449 7.37 -28.00 -1.18
CA ARG A 449 6.82 -27.77 -2.50
C ARG A 449 5.30 -27.72 -2.39
N PHE A 450 4.73 -28.61 -1.60
CA PHE A 450 3.27 -28.60 -1.43
C PHE A 450 2.78 -27.21 -1.02
N VAL A 451 3.39 -26.62 0.02
CA VAL A 451 2.96 -25.33 0.51
C VAL A 451 3.26 -24.20 -0.47
N GLN A 452 4.32 -24.30 -1.25
CA GLN A 452 4.59 -23.25 -2.24
C GLN A 452 3.50 -23.20 -3.27
N ARG A 453 3.12 -24.38 -3.78
CA ARG A 453 2.03 -24.42 -4.78
C ARG A 453 0.78 -23.79 -4.19
N GLN A 454 0.50 -24.10 -2.93
CA GLN A 454 -0.62 -23.45 -2.26
C GLN A 454 -0.49 -21.93 -2.17
N ALA A 455 0.68 -21.46 -1.76
CA ALA A 455 0.87 -20.03 -1.67
C ALA A 455 0.58 -19.43 -3.05
N MET A 456 1.16 -20.03 -4.06
CA MET A 456 1.08 -19.46 -5.39
C MET A 456 -0.36 -19.50 -5.91
N ALA A 457 -1.11 -20.54 -5.58
CA ALA A 457 -2.49 -20.65 -6.01
C ALA A 457 -3.43 -19.54 -5.52
N MET A 458 -3.27 -19.03 -4.29
CA MET A 458 -4.07 -17.91 -3.75
C MET A 458 -4.31 -16.74 -4.69
N ASP A 459 -5.55 -16.28 -4.76
CA ASP A 459 -5.91 -15.15 -5.57
C ASP A 459 -5.87 -13.87 -4.75
N PHE A 460 -4.80 -13.10 -4.85
CA PHE A 460 -4.82 -11.75 -4.25
C PHE A 460 -4.59 -10.72 -5.36
N SER A 461 -5.36 -10.91 -6.44
CA SER A 461 -5.37 -10.03 -7.57
C SER A 461 -6.38 -8.91 -7.36
N TRP A 462 -6.26 -7.88 -8.22
CA TRP A 462 -7.15 -6.72 -8.19
C TRP A 462 -8.61 -7.05 -8.51
N GLN A 463 -8.81 -8.09 -9.30
CA GLN A 463 -10.14 -8.51 -9.66
C GLN A 463 -10.88 -8.79 -8.36
N VAL A 464 -10.14 -9.28 -7.37
CA VAL A 464 -10.72 -9.53 -6.06
C VAL A 464 -11.12 -8.21 -5.40
N ALA A 465 -10.19 -7.29 -5.29
CA ALA A 465 -10.47 -6.02 -4.67
C ALA A 465 -11.62 -5.38 -5.41
N ALA A 466 -11.63 -5.48 -6.73
CA ALA A 466 -12.70 -4.90 -7.53
C ALA A 466 -14.06 -5.38 -7.00
N LYS A 467 -14.30 -6.69 -7.02
CA LYS A 467 -15.55 -7.28 -6.52
C LYS A 467 -15.87 -6.66 -5.18
N SER A 468 -14.89 -6.67 -4.28
CA SER A 468 -15.12 -6.23 -2.92
C SER A 468 -15.71 -4.84 -2.93
N TYR A 469 -15.03 -3.92 -3.60
CA TYR A 469 -15.46 -2.53 -3.61
C TYR A 469 -16.79 -2.36 -4.36
N ARG A 470 -16.92 -3.08 -5.49
CA ARG A 470 -18.16 -3.06 -6.23
C ARG A 470 -19.29 -3.25 -5.23
N GLU A 471 -19.23 -4.40 -4.56
CA GLU A 471 -20.22 -4.77 -3.56
C GLU A 471 -20.42 -3.60 -2.57
N LEU A 472 -19.33 -3.11 -1.98
CA LEU A 472 -19.42 -1.92 -1.10
C LEU A 472 -20.26 -0.83 -1.78
N TYR A 473 -19.78 -0.35 -2.94
CA TYR A 473 -20.47 0.73 -3.65
C TYR A 473 -21.99 0.55 -3.65
N TYR A 474 -22.49 -0.60 -4.07
CA TYR A 474 -23.95 -0.90 -3.99
C TYR A 474 -24.51 -1.09 -2.54
N ARG A 475 -24.41 -0.09 -1.66
CA ARG A 475 -24.90 -0.18 -0.27
C ARG A 475 -25.03 1.20 0.40
#